data_4WBR
#
_entry.id   4WBR
#
_cell.length_a   92.860
_cell.length_b   44.760
_cell.length_c   40.000
_cell.angle_alpha   90.000
_cell.angle_beta   90.000
_cell.angle_gamma   90.000
#
_symmetry.space_group_name_H-M   'P 21 21 2'
#
loop_
_entity.id
_entity.type
_entity.pdbx_description
1 polymer 'Blr1131 protein'
2 non-polymer 'COPPER (II) ION'
3 water water
#
_entity_poly.entity_id   1
_entity_poly.type   'polypeptide(L)'
_entity_poly.pdbx_seq_one_letter_code
;AIGGPFQLTDQNGKAVTDKSLKGKPTLIFFGYTHCPDVCPTSLFEISEVLRAMGKDADKVNAIFISVDPERDTPATMKNY
LSSFDPHLEGLSGDPAEIAKVITSYRVYAKKVPTKDGDYTMDHTALIYLMDRDGRFVSPFNLKRTPEEAAADLKRYL
;
_entity_poly.pdbx_strand_id   D
#
loop_
_chem_comp.id
_chem_comp.type
_chem_comp.name
_chem_comp.formula
CU non-polymer 'COPPER (II) ION' 'Cu 2'
#
# COMPACT_ATOMS: atom_id res chain seq x y z
N ALA A 1 7.98 12.10 -13.04
CA ALA A 1 7.58 12.12 -11.61
C ALA A 1 7.08 10.76 -11.30
N ILE A 2 7.51 10.27 -10.14
CA ILE A 2 7.11 8.93 -9.65
C ILE A 2 5.71 9.08 -9.10
N GLY A 3 4.77 8.32 -9.62
CA GLY A 3 3.37 8.36 -9.20
C GLY A 3 2.69 9.08 -10.29
N GLY A 4 1.43 8.86 -10.44
CA GLY A 4 0.57 9.51 -11.38
C GLY A 4 -0.89 9.45 -10.92
N PRO A 5 -1.81 9.98 -11.73
CA PRO A 5 -3.24 10.02 -11.42
C PRO A 5 -3.79 8.60 -11.41
N PHE A 6 -4.83 8.44 -10.62
CA PHE A 6 -5.55 7.16 -10.60
C PHE A 6 -6.93 7.27 -9.98
N GLN A 7 -7.75 6.25 -10.28
CA GLN A 7 -9.08 6.15 -9.75
CA GLN A 7 -9.09 6.14 -9.72
C GLN A 7 -9.24 4.68 -9.36
N LEU A 8 -9.24 4.39 -8.06
CA LEU A 8 -9.30 3.03 -7.53
C LEU A 8 -10.42 2.98 -6.47
N THR A 9 -10.58 1.82 -5.84
CA THR A 9 -11.68 1.57 -4.90
C THR A 9 -11.09 0.94 -3.66
N ASP A 10 -11.47 1.45 -2.48
CA ASP A 10 -10.96 0.90 -1.27
C ASP A 10 -11.74 -0.32 -0.84
N GLN A 11 -11.32 -0.91 0.26
CA GLN A 11 -11.83 -2.23 0.69
C GLN A 11 -13.30 -2.15 1.12
N ASN A 12 -13.76 -0.93 1.33
CA ASN A 12 -15.16 -0.67 1.67
C ASN A 12 -15.97 -0.21 0.51
N GLY A 13 -15.35 -0.22 -0.67
CA GLY A 13 -16.06 0.22 -1.87
C GLY A 13 -16.01 1.72 -2.12
N LYS A 14 -15.25 2.47 -1.33
CA LYS A 14 -15.21 3.90 -1.52
C LYS A 14 -14.20 4.28 -2.65
N ALA A 15 -14.62 5.16 -3.55
CA ALA A 15 -13.66 5.70 -4.54
C ALA A 15 -12.51 6.45 -3.88
N VAL A 16 -11.30 6.14 -4.36
CA VAL A 16 -10.09 6.76 -3.89
C VAL A 16 -9.31 7.15 -5.12
N THR A 17 -8.90 8.41 -5.19
CA THR A 17 -8.07 8.90 -6.26
C THR A 17 -6.71 9.41 -5.74
N ASP A 18 -5.84 9.72 -6.69
CA ASP A 18 -4.59 10.36 -6.30
C ASP A 18 -4.88 11.64 -5.51
N LYS A 19 -5.99 12.32 -5.87
CA LYS A 19 -6.26 13.63 -5.31
C LYS A 19 -6.69 13.45 -3.89
N SER A 20 -7.31 12.31 -3.57
CA SER A 20 -7.68 12.12 -2.20
C SER A 20 -6.51 11.75 -1.24
N LEU A 21 -5.34 11.44 -1.78
CA LEU A 21 -4.18 11.15 -0.96
C LEU A 21 -3.46 12.46 -0.56
N LYS A 22 -3.80 13.58 -1.22
CA LYS A 22 -3.10 14.84 -0.96
C LYS A 22 -3.62 15.42 0.37
N GLY A 23 -2.72 16.07 1.09
CA GLY A 23 -2.98 16.70 2.35
C GLY A 23 -2.33 15.96 3.51
N LYS A 24 -1.92 14.71 3.31
CA LYS A 24 -1.22 13.89 4.34
C LYS A 24 -0.05 13.21 3.72
N PRO A 25 1.04 13.05 4.44
CA PRO A 25 2.00 12.07 3.90
C PRO A 25 1.44 10.66 3.75
N THR A 26 1.99 9.95 2.80
CA THR A 26 1.48 8.67 2.37
C THR A 26 2.56 7.61 2.24
N LEU A 27 2.34 6.50 2.93
CA LEU A 27 3.07 5.26 2.68
C LEU A 27 2.32 4.42 1.71
N ILE A 28 3.03 3.92 0.67
CA ILE A 28 2.39 2.99 -0.28
C ILE A 28 3.20 1.73 -0.38
N PHE A 29 2.55 0.60 -0.34
CA PHE A 29 3.12 -0.74 -0.57
C PHE A 29 2.30 -1.43 -1.65
N PHE A 30 3.00 -1.99 -2.64
CA PHE A 30 2.34 -2.73 -3.71
C PHE A 30 2.62 -4.22 -3.46
N GLY A 31 1.53 -5.02 -3.52
CA GLY A 31 1.65 -6.45 -3.32
C GLY A 31 0.38 -7.17 -3.67
N TYR A 32 0.08 -8.28 -3.01
CA TYR A 32 -1.09 -9.02 -3.33
C TYR A 32 -1.43 -9.94 -2.15
N THR A 33 -2.68 -10.32 -2.08
CA THR A 33 -3.20 -11.03 -0.92
C THR A 33 -2.73 -12.47 -0.81
N HIS A 34 -2.32 -13.07 -1.90
CA HIS A 34 -1.84 -14.44 -1.91
C HIS A 34 -0.34 -14.53 -1.75
N CYS A 35 0.26 -13.43 -1.33
CA CYS A 35 1.71 -13.43 -1.11
C CYS A 35 2.10 -14.20 0.14
N PRO A 36 3.07 -15.13 0.04
CA PRO A 36 3.33 -15.96 1.22
C PRO A 36 4.16 -15.36 2.31
N ASP A 37 4.99 -14.36 2.05
CA ASP A 37 5.90 -13.93 3.12
C ASP A 37 6.14 -12.45 3.11
N VAL A 38 6.51 -11.92 1.97
CA VAL A 38 6.86 -10.52 1.91
C VAL A 38 5.74 -9.53 2.25
N CYS A 39 4.56 -9.75 1.69
CA CYS A 39 3.45 -8.84 1.91
C CYS A 39 2.96 -8.87 3.37
N PRO A 40 2.72 -10.08 3.95
CA PRO A 40 2.21 -10.01 5.34
C PRO A 40 3.26 -9.44 6.31
N THR A 41 4.55 -9.69 6.00
CA THR A 41 5.57 -9.15 6.91
C THR A 41 5.66 -7.59 6.73
N SER A 42 5.67 -7.09 5.48
CA SER A 42 5.71 -5.68 5.20
C SER A 42 4.49 -4.93 5.78
N LEU A 43 3.31 -5.53 5.55
CA LEU A 43 2.07 -4.89 6.02
C LEU A 43 1.96 -4.96 7.59
N PHE A 44 2.53 -6.05 8.15
CA PHE A 44 2.65 -6.12 9.62
C PHE A 44 3.59 -5.01 10.12
N GLU A 45 4.75 -4.83 9.48
CA GLU A 45 5.66 -3.79 9.91
C GLU A 45 5.07 -2.39 9.79
N ILE A 46 4.32 -2.13 8.72
CA ILE A 46 3.62 -0.86 8.56
C ILE A 46 2.57 -0.67 9.66
N SER A 47 1.85 -1.76 9.94
CA SER A 47 0.85 -1.77 11.01
C SER A 47 1.47 -1.33 12.33
N GLU A 48 2.68 -1.80 12.61
CA GLU A 48 3.32 -1.47 13.89
C GLU A 48 3.75 0.01 13.90
N VAL A 49 4.17 0.52 12.74
CA VAL A 49 4.44 1.93 12.64
C VAL A 49 3.17 2.75 12.94
N LEU A 50 2.03 2.34 12.30
CA LEU A 50 0.78 3.05 12.53
C LEU A 50 0.32 2.99 14.01
N ARG A 51 0.53 1.83 14.66
CA ARG A 51 0.21 1.72 16.07
C ARG A 51 1.10 2.67 16.90
N ALA A 52 2.37 2.77 16.53
CA ALA A 52 3.32 3.63 17.26
C ALA A 52 3.07 5.13 17.02
N MET A 53 2.26 5.45 16.02
CA MET A 53 1.84 6.81 15.80
CA MET A 53 1.83 6.81 15.75
C MET A 53 0.75 7.31 16.69
N GLY A 54 0.07 6.34 17.38
CA GLY A 54 -1.05 6.72 18.23
C GLY A 54 -2.11 7.50 17.48
N LYS A 55 -2.54 8.62 18.04
CA LYS A 55 -3.55 9.48 17.42
C LYS A 55 -3.12 10.04 16.04
N ASP A 56 -1.83 10.12 15.81
CA ASP A 56 -1.37 10.68 14.60
C ASP A 56 -1.55 9.70 13.44
N ALA A 57 -1.91 8.43 13.70
CA ALA A 57 -2.13 7.48 12.62
C ALA A 57 -3.18 8.01 11.66
N ASP A 58 -4.19 8.74 12.16
CA ASP A 58 -5.22 9.33 11.29
CA ASP A 58 -5.21 9.33 11.27
C ASP A 58 -4.71 10.49 10.43
N LYS A 59 -3.54 10.97 10.73
CA LYS A 59 -2.94 12.06 9.97
C LYS A 59 -1.96 11.70 8.85
N VAL A 60 -1.85 10.40 8.60
CA VAL A 60 -1.14 9.87 7.44
C VAL A 60 -2.03 8.94 6.67
N ASN A 61 -1.64 8.68 5.42
CA ASN A 61 -2.29 7.63 4.62
C ASN A 61 -1.30 6.43 4.57
N ALA A 62 -1.84 5.22 4.78
CA ALA A 62 -1.11 4.03 4.64
C ALA A 62 -1.88 3.15 3.67
N ILE A 63 -1.31 2.94 2.48
CA ILE A 63 -2.06 2.41 1.37
C ILE A 63 -1.38 1.12 0.88
N PHE A 64 -2.22 0.10 0.70
CA PHE A 64 -1.79 -1.20 0.12
C PHE A 64 -2.46 -1.30 -1.24
N ILE A 65 -1.71 -1.22 -2.35
CA ILE A 65 -2.32 -1.35 -3.69
C ILE A 65 -1.98 -2.72 -4.25
N SER A 66 -3.02 -3.48 -4.57
CA SER A 66 -2.80 -4.82 -5.12
C SER A 66 -2.39 -4.75 -6.58
N VAL A 67 -1.39 -5.56 -6.91
CA VAL A 67 -0.95 -5.81 -8.26
C VAL A 67 -1.60 -7.09 -8.86
N ASP A 68 -2.62 -7.60 -8.19
CA ASP A 68 -3.33 -8.81 -8.61
C ASP A 68 -4.83 -8.51 -8.68
N PRO A 69 -5.25 -7.63 -9.61
CA PRO A 69 -6.65 -7.20 -9.68
C PRO A 69 -7.63 -8.30 -10.07
N GLU A 70 -7.16 -9.41 -10.68
CA GLU A 70 -8.12 -10.50 -11.00
C GLU A 70 -8.69 -11.14 -9.75
N ARG A 71 -7.91 -11.15 -8.68
CA ARG A 71 -8.33 -11.74 -7.41
C ARG A 71 -8.62 -10.74 -6.31
N ASP A 72 -7.85 -9.63 -6.24
CA ASP A 72 -7.92 -8.77 -5.04
C ASP A 72 -9.00 -7.70 -5.21
N THR A 73 -10.25 -8.15 -5.12
CA THR A 73 -11.39 -7.27 -5.17
C THR A 73 -11.54 -6.58 -3.74
N PRO A 74 -12.41 -5.55 -3.63
CA PRO A 74 -12.63 -4.95 -2.32
C PRO A 74 -12.97 -5.93 -1.20
N ALA A 75 -13.88 -6.87 -1.43
CA ALA A 75 -14.23 -7.78 -0.40
C ALA A 75 -13.04 -8.67 0.03
N THR A 76 -12.25 -9.17 -0.93
CA THR A 76 -11.05 -9.93 -0.64
C THR A 76 -10.07 -9.07 0.12
N MET A 77 -9.84 -7.85 -0.33
CA MET A 77 -8.92 -6.97 0.40
CA MET A 77 -8.92 -7.00 0.41
C MET A 77 -9.42 -6.65 1.83
N LYS A 78 -10.73 -6.43 2.01
CA LYS A 78 -11.27 -6.10 3.32
C LYS A 78 -10.97 -7.24 4.29
N ASN A 79 -11.25 -8.45 3.89
CA ASN A 79 -11.06 -9.58 4.75
C ASN A 79 -9.54 -9.79 5.01
N TYR A 80 -8.72 -9.60 4.01
CA TYR A 80 -7.25 -9.73 4.18
C TYR A 80 -6.71 -8.74 5.20
N LEU A 81 -7.15 -7.51 5.06
CA LEU A 81 -6.72 -6.40 5.95
C LEU A 81 -7.29 -6.42 7.35
N SER A 82 -8.30 -7.25 7.58
CA SER A 82 -8.91 -7.47 8.90
CA SER A 82 -8.91 -7.44 8.88
C SER A 82 -7.94 -7.91 9.96
N SER A 83 -6.86 -8.56 9.55
CA SER A 83 -5.81 -9.08 10.48
C SER A 83 -4.82 -7.96 10.85
N PHE A 84 -4.80 -6.85 10.11
CA PHE A 84 -3.75 -5.82 10.16
C PHE A 84 -4.28 -4.54 10.82
N ASP A 85 -3.46 -3.51 10.95
CA ASP A 85 -3.97 -2.29 11.59
C ASP A 85 -5.14 -1.72 10.79
N PRO A 86 -6.18 -1.23 11.45
CA PRO A 86 -7.37 -0.76 10.77
C PRO A 86 -7.20 0.52 9.99
N HIS A 87 -6.03 1.19 10.15
CA HIS A 87 -5.75 2.40 9.34
C HIS A 87 -5.31 2.11 7.91
N LEU A 88 -4.84 0.89 7.68
CA LEU A 88 -4.45 0.48 6.30
C LEU A 88 -5.67 0.53 5.37
N GLU A 89 -5.47 1.22 4.25
CA GLU A 89 -6.45 1.30 3.19
C GLU A 89 -5.94 0.43 2.01
N GLY A 90 -6.77 -0.54 1.56
CA GLY A 90 -6.40 -1.45 0.48
C GLY A 90 -7.11 -0.99 -0.78
N LEU A 91 -6.36 -0.79 -1.83
CA LEU A 91 -6.94 -0.30 -3.11
C LEU A 91 -6.93 -1.35 -4.22
N SER A 92 -8.14 -1.54 -4.76
CA SER A 92 -8.48 -2.43 -5.83
C SER A 92 -8.83 -1.61 -7.06
N GLY A 93 -8.83 -2.23 -8.20
CA GLY A 93 -9.19 -1.46 -9.37
C GLY A 93 -9.41 -2.34 -10.58
N ASP A 94 -9.99 -1.67 -11.57
CA ASP A 94 -10.07 -2.26 -12.90
C ASP A 94 -8.64 -2.61 -13.37
N PRO A 95 -8.48 -3.76 -14.00
CA PRO A 95 -7.14 -4.13 -14.53
C PRO A 95 -6.47 -3.06 -15.34
N ALA A 96 -7.26 -2.27 -16.08
CA ALA A 96 -6.68 -1.17 -16.84
C ALA A 96 -6.07 -0.12 -15.94
N GLU A 97 -6.77 0.22 -14.90
CA GLU A 97 -6.30 1.24 -14.00
C GLU A 97 -5.11 0.77 -13.19
N ILE A 98 -5.10 -0.49 -12.77
CA ILE A 98 -3.93 -1.00 -12.04
C ILE A 98 -2.72 -1.03 -12.96
N ALA A 99 -2.87 -1.41 -14.24
CA ALA A 99 -1.70 -1.47 -15.12
C ALA A 99 -1.13 -0.04 -15.29
N LYS A 100 -2.01 0.96 -15.38
CA LYS A 100 -1.60 2.36 -15.45
C LYS A 100 -0.83 2.81 -14.21
N VAL A 101 -1.34 2.48 -13.04
CA VAL A 101 -0.69 2.89 -11.78
C VAL A 101 0.62 2.21 -11.65
N ILE A 102 0.69 0.94 -12.01
CA ILE A 102 1.98 0.18 -11.99
C ILE A 102 3.05 0.93 -12.81
N THR A 103 2.63 1.35 -14.01
CA THR A 103 3.61 2.07 -14.87
C THR A 103 4.00 3.39 -14.22
N SER A 104 3.06 4.19 -13.75
CA SER A 104 3.41 5.53 -13.27
C SER A 104 4.19 5.49 -11.96
N TYR A 105 3.98 4.46 -11.14
CA TYR A 105 4.76 4.31 -9.90
C TYR A 105 6.05 3.48 -10.11
N ARG A 106 6.40 3.14 -11.38
CA ARG A 106 7.56 2.37 -11.68
C ARG A 106 7.64 1.05 -10.92
N VAL A 107 6.46 0.40 -10.80
CA VAL A 107 6.34 -0.88 -10.15
C VAL A 107 6.70 -2.01 -11.09
N TYR A 108 7.32 -3.08 -10.60
CA TYR A 108 7.54 -4.29 -11.27
C TYR A 108 6.51 -5.26 -10.74
N ALA A 109 5.77 -5.92 -11.63
CA ALA A 109 4.81 -6.99 -11.23
C ALA A 109 4.84 -8.02 -12.39
N LYS A 110 4.96 -9.28 -12.04
CA LYS A 110 4.98 -10.39 -12.99
C LYS A 110 4.27 -11.58 -12.39
N LYS A 111 3.29 -12.13 -13.13
CA LYS A 111 2.62 -13.35 -12.74
C LYS A 111 3.54 -14.53 -12.98
N VAL A 112 3.51 -15.46 -12.03
CA VAL A 112 4.32 -16.66 -12.04
C VAL A 112 3.40 -17.86 -11.78
N PRO A 113 2.95 -18.52 -12.87
CA PRO A 113 2.03 -19.68 -12.75
C PRO A 113 2.63 -20.79 -11.88
N THR A 114 1.82 -21.39 -10.99
CA THR A 114 2.31 -22.50 -10.17
C THR A 114 1.75 -23.76 -10.77
N LYS A 115 0.53 -24.07 -10.39
CA LYS A 115 -0.10 -25.32 -10.80
C LYS A 115 -1.55 -25.17 -10.54
N ASP A 116 -2.31 -25.60 -11.53
CA ASP A 116 -3.77 -25.65 -11.48
C ASP A 116 -4.47 -24.33 -11.49
N GLY A 117 -3.90 -23.36 -12.24
CA GLY A 117 -4.53 -22.05 -12.43
C GLY A 117 -4.19 -21.13 -11.29
N ASP A 118 -3.39 -21.63 -10.35
CA ASP A 118 -2.89 -20.73 -9.31
C ASP A 118 -1.59 -20.10 -9.75
N TYR A 119 -1.24 -19.04 -9.04
CA TYR A 119 -0.06 -18.25 -9.35
C TYR A 119 0.37 -17.40 -8.20
N THR A 120 1.65 -17.10 -8.24
CA THR A 120 2.21 -16.07 -7.37
C THR A 120 2.54 -14.91 -8.26
N MET A 121 2.99 -13.82 -7.61
CA MET A 121 3.47 -12.64 -8.30
CA MET A 121 3.50 -12.68 -8.30
C MET A 121 4.83 -12.23 -7.77
N ASP A 122 5.75 -11.94 -8.68
CA ASP A 122 7.01 -11.27 -8.32
C ASP A 122 6.65 -9.83 -8.37
N HIS A 123 7.09 -9.05 -7.38
CA HIS A 123 6.72 -7.65 -7.37
C HIS A 123 7.67 -6.75 -6.55
N THR A 124 7.59 -5.46 -6.86
CA THR A 124 8.32 -4.47 -6.05
C THR A 124 7.96 -4.62 -4.57
N ALA A 125 9.00 -4.56 -3.75
CA ALA A 125 8.92 -4.75 -2.30
C ALA A 125 9.17 -3.53 -1.46
N LEU A 126 9.57 -2.45 -2.10
CA LEU A 126 9.88 -1.23 -1.41
C LEU A 126 8.61 -0.55 -0.93
N ILE A 127 8.76 0.24 0.11
CA ILE A 127 7.71 1.12 0.63
CA ILE A 127 7.70 1.10 0.63
C ILE A 127 7.92 2.55 0.18
N TYR A 128 6.93 3.12 -0.49
CA TYR A 128 7.03 4.48 -1.00
C TYR A 128 6.60 5.47 0.02
N LEU A 129 7.35 6.55 0.22
CA LEU A 129 6.91 7.69 0.98
C LEU A 129 6.62 8.83 0.04
N MET A 130 5.39 9.30 0.02
CA MET A 130 4.95 10.48 -0.77
C MET A 130 4.64 11.60 0.27
N ASP A 131 5.04 12.82 -0.04
CA ASP A 131 4.70 13.92 0.82
C ASP A 131 3.24 14.30 0.77
N ARG A 132 2.87 15.31 1.57
CA ARG A 132 1.45 15.75 1.59
C ARG A 132 0.98 16.38 0.25
N ASP A 133 1.92 16.73 -0.64
CA ASP A 133 1.56 17.21 -2.01
C ASP A 133 1.53 16.09 -3.03
N GLY A 134 1.74 14.85 -2.56
CA GLY A 134 1.76 13.68 -3.40
C GLY A 134 3.03 13.49 -4.19
N ARG A 135 4.07 14.20 -3.78
CA ARG A 135 5.38 14.10 -4.40
C ARG A 135 6.22 13.00 -3.74
N PHE A 136 6.79 12.10 -4.54
CA PHE A 136 7.71 11.11 -4.07
C PHE A 136 8.81 11.80 -3.26
N VAL A 137 9.06 11.27 -2.05
CA VAL A 137 10.21 11.65 -1.23
C VAL A 137 11.37 10.65 -1.41
N SER A 138 11.10 9.41 -1.09
CA SER A 138 12.10 8.33 -1.04
CA SER A 138 12.11 8.37 -1.01
C SER A 138 11.39 7.09 -0.75
N PRO A 139 12.06 5.96 -0.96
CA PRO A 139 11.55 4.78 -0.29
C PRO A 139 11.68 4.95 1.25
N PHE A 140 10.90 4.18 2.04
CA PHE A 140 10.80 4.39 3.48
C PHE A 140 11.45 3.19 4.18
N ASN A 141 12.24 3.52 5.20
CA ASN A 141 12.95 2.48 5.92
C ASN A 141 12.05 1.90 7.03
N LEU A 142 11.90 0.59 6.99
CA LEU A 142 11.27 -0.20 8.05
C LEU A 142 12.22 -0.97 8.92
N LYS A 143 13.53 -0.93 8.61
CA LYS A 143 14.56 -1.67 9.41
CA LYS A 143 14.55 -1.69 9.40
C LYS A 143 15.00 -0.91 10.66
N ARG A 144 14.04 -0.77 11.56
CA ARG A 144 14.24 -0.04 12.76
C ARG A 144 13.02 -0.22 13.61
N THR A 145 13.00 0.27 14.83
CA THR A 145 11.82 0.05 15.65
C THR A 145 10.59 0.79 15.07
N PRO A 146 9.39 0.28 15.39
CA PRO A 146 8.20 1.01 15.01
C PRO A 146 8.21 2.47 15.51
N GLU A 147 8.73 2.71 16.75
CA GLU A 147 8.75 4.06 17.27
C GLU A 147 9.69 4.95 16.42
N GLU A 148 10.83 4.41 16.02
CA GLU A 148 11.76 5.22 15.17
C GLU A 148 11.18 5.54 13.83
N ALA A 149 10.47 4.56 13.27
CA ALA A 149 9.85 4.82 11.96
C ALA A 149 8.70 5.83 12.10
N ALA A 150 7.95 5.71 13.20
CA ALA A 150 6.87 6.64 13.47
C ALA A 150 7.39 8.06 13.65
N ALA A 151 8.50 8.19 14.37
CA ALA A 151 9.08 9.54 14.58
C ALA A 151 9.52 10.20 13.26
N ASP A 152 10.06 9.36 12.37
CA ASP A 152 10.47 9.83 11.04
C ASP A 152 9.22 10.30 10.27
N LEU A 153 8.21 9.44 10.19
CA LEU A 153 7.00 9.82 9.46
C LEU A 153 6.36 11.07 10.00
N LYS A 154 6.36 11.24 11.32
CA LYS A 154 5.81 12.47 11.92
C LYS A 154 6.44 13.75 11.45
N ARG A 155 7.69 13.69 10.98
CA ARG A 155 8.34 14.90 10.43
C ARG A 155 7.62 15.44 9.18
N TYR A 156 6.82 14.60 8.54
CA TYR A 156 6.13 14.93 7.26
C TYR A 156 4.70 15.38 7.43
N LEU A 157 4.28 15.49 8.70
CA LEU A 157 3.03 16.12 9.07
C LEU A 157 3.07 17.68 8.95
CU CU B . 4.10 -10.04 -1.84
#